data_8EP5
#
_entry.id   8EP5
#
_entity_poly.entity_id   1
_entity_poly.type   'polypeptide(L)'
_entity_poly.pdbx_seq_one_letter_code
;KILKRLAAKIKKIL(NH2)
;
_entity_poly.pdbx_strand_id   B
#
# COMPACT_ATOMS: atom_id res chain seq x y z
N LYS A 1 0.74 -11.72 -2.48
CA LYS A 1 0.68 -10.74 -3.59
C LYS A 1 1.01 -9.35 -3.05
N ILE A 2 1.34 -8.42 -3.94
CA ILE A 2 1.75 -7.09 -3.53
C ILE A 2 0.61 -6.07 -3.67
N LEU A 3 -0.62 -6.57 -3.84
CA LEU A 3 -1.77 -5.68 -4.03
C LEU A 3 -2.04 -4.86 -2.78
N LYS A 4 -2.20 -5.55 -1.65
CA LYS A 4 -2.46 -4.90 -0.38
C LYS A 4 -1.23 -4.16 0.11
N ARG A 5 -0.08 -4.62 -0.33
CA ARG A 5 1.18 -4.01 0.05
C ARG A 5 1.32 -2.65 -0.60
N LEU A 6 0.83 -2.55 -1.83
CA LEU A 6 0.76 -1.27 -2.52
C LEU A 6 -0.12 -0.31 -1.76
N ALA A 7 -1.30 -0.78 -1.38
CA ALA A 7 -2.27 0.00 -0.67
C ALA A 7 -1.75 0.41 0.71
N ALA A 8 -0.79 -0.36 1.22
CA ALA A 8 -0.15 -0.03 2.48
C ALA A 8 0.87 1.07 2.28
N LYS A 9 1.54 1.03 1.13
CA LYS A 9 2.47 2.08 0.75
C LYS A 9 1.69 3.34 0.42
N ILE A 10 0.55 3.13 -0.20
CA ILE A 10 -0.38 4.19 -0.52
C ILE A 10 -0.99 4.73 0.76
N LYS A 11 -1.07 3.90 1.78
CA LYS A 11 -1.54 4.35 3.07
C LYS A 11 -0.48 5.19 3.75
N LYS A 12 0.77 4.94 3.41
CA LYS A 12 1.88 5.68 3.97
C LYS A 12 2.00 7.05 3.32
N ILE A 13 1.87 7.07 2.01
CA ILE A 13 1.90 8.31 1.25
C ILE A 13 0.61 9.08 1.47
N LEU A 14 -0.50 8.35 1.43
CA LEU A 14 -1.82 8.93 1.60
C LEU A 14 -2.40 8.56 2.96
N LYS A 1 1.51 -10.67 -6.01
CA LYS A 1 0.39 -10.34 -5.11
C LYS A 1 0.82 -9.39 -4.00
N ILE A 2 1.32 -8.22 -4.39
CA ILE A 2 1.75 -7.21 -3.44
C ILE A 2 0.72 -6.09 -3.34
N LEU A 3 -0.52 -6.38 -3.73
CA LEU A 3 -1.56 -5.36 -3.85
C LEU A 3 -1.90 -4.73 -2.50
N LYS A 4 -2.06 -5.56 -1.47
CA LYS A 4 -2.40 -5.07 -0.15
C LYS A 4 -1.22 -4.34 0.48
N ARG A 5 -0.04 -4.85 0.20
CA ARG A 5 1.19 -4.23 0.69
C ARG A 5 1.43 -2.90 0.00
N LEU A 6 1.01 -2.80 -1.26
CA LEU A 6 1.01 -1.54 -1.96
C LEU A 6 0.07 -0.57 -1.30
N ALA A 7 -1.14 -1.03 -1.03
CA ALA A 7 -2.18 -0.23 -0.41
C ALA A 7 -1.72 0.28 0.95
N ALA A 8 -0.83 -0.46 1.58
CA ALA A 8 -0.27 -0.07 2.85
C ALA A 8 0.73 1.06 2.67
N LYS A 9 1.48 1.00 1.59
CA LYS A 9 2.41 2.07 1.25
C LYS A 9 1.66 3.24 0.63
N ILE A 10 0.55 2.93 0.01
CA ILE A 10 -0.38 3.93 -0.46
C ILE A 10 -1.00 4.66 0.71
N LYS A 11 -1.12 3.97 1.83
CA LYS A 11 -1.58 4.60 3.04
C LYS A 11 -0.49 5.47 3.66
N LYS A 12 0.75 5.24 3.21
CA LYS A 12 1.88 6.02 3.67
C LYS A 12 2.02 7.27 2.82
N ILE A 13 1.82 7.12 1.52
CA ILE A 13 1.80 8.24 0.60
C ILE A 13 0.57 9.08 0.86
N LEU A 14 -0.57 8.40 0.95
CA LEU A 14 -1.84 9.04 1.23
C LEU A 14 -2.11 9.04 2.73
N LYS A 1 1.07 -10.82 -0.75
CA LYS A 1 -0.06 -9.86 -0.74
C LYS A 1 0.38 -8.54 -1.37
N ILE A 2 0.80 -8.60 -2.64
CA ILE A 2 1.34 -7.42 -3.33
C ILE A 2 0.39 -6.22 -3.24
N LEU A 3 -0.87 -6.43 -3.61
CA LEU A 3 -1.84 -5.34 -3.69
C LEU A 3 -2.04 -4.67 -2.34
N LYS A 4 -2.05 -5.45 -1.28
CA LYS A 4 -2.24 -4.91 0.06
C LYS A 4 -0.96 -4.30 0.60
N ARG A 5 0.17 -4.83 0.17
CA ARG A 5 1.46 -4.28 0.52
C ARG A 5 1.62 -2.90 -0.10
N LEU A 6 1.23 -2.80 -1.35
CA LEU A 6 1.23 -1.53 -2.05
C LEU A 6 0.27 -0.56 -1.40
N ALA A 7 -0.94 -1.04 -1.14
CA ALA A 7 -1.98 -0.23 -0.53
C ALA A 7 -1.55 0.29 0.84
N ALA A 8 -0.63 -0.43 1.48
CA ALA A 8 -0.08 -0.01 2.74
C ALA A 8 0.85 1.17 2.55
N LYS A 9 1.62 1.11 1.47
CA LYS A 9 2.51 2.21 1.12
C LYS A 9 1.72 3.36 0.56
N ILE A 10 0.65 3.03 -0.13
CA ILE A 10 -0.29 4.00 -0.62
C ILE A 10 -0.98 4.68 0.55
N LYS A 11 -1.18 3.95 1.62
CA LYS A 11 -1.76 4.51 2.81
C LYS A 11 -0.73 5.38 3.54
N LYS A 12 0.54 5.11 3.30
CA LYS A 12 1.61 5.87 3.92
C LYS A 12 1.80 7.20 3.21
N ILE A 13 1.70 7.15 1.89
CA ILE A 13 1.81 8.34 1.07
C ILE A 13 0.50 9.12 1.11
N LEU A 14 -0.60 8.39 1.01
CA LEU A 14 -1.93 8.97 1.05
C LEU A 14 -2.56 8.75 2.41
N LYS A 1 0.69 -11.20 -2.04
CA LYS A 1 -0.20 -10.14 -1.49
C LYS A 1 0.37 -8.76 -1.78
N ILE A 2 0.89 -8.58 -2.99
CA ILE A 2 1.55 -7.33 -3.38
C ILE A 2 0.58 -6.14 -3.32
N LEU A 3 -0.66 -6.35 -3.74
CA LEU A 3 -1.63 -5.27 -3.81
C LEU A 3 -1.94 -4.70 -2.42
N LYS A 4 -2.04 -5.58 -1.43
CA LYS A 4 -2.27 -5.16 -0.06
C LYS A 4 -1.06 -4.42 0.49
N ARG A 5 0.11 -4.89 0.11
CA ARG A 5 1.35 -4.25 0.53
C ARG A 5 1.46 -2.86 -0.07
N LEU A 6 1.08 -2.76 -1.33
CA LEU A 6 1.03 -1.49 -2.02
C LEU A 6 0.07 -0.54 -1.33
N ALA A 7 -1.11 -1.04 -1.01
CA ALA A 7 -2.15 -0.26 -0.37
C ALA A 7 -1.69 0.29 0.97
N ALA A 8 -0.77 -0.43 1.61
CA ALA A 8 -0.19 0.01 2.86
C ALA A 8 0.77 1.16 2.62
N LYS A 9 1.52 1.06 1.53
CA LYS A 9 2.42 2.12 1.12
C LYS A 9 1.62 3.31 0.61
N ILE A 10 0.50 2.99 -0.03
CA ILE A 10 -0.44 3.98 -0.48
C ILE A 10 -1.08 4.68 0.70
N LYS A 11 -1.18 3.97 1.81
CA LYS A 11 -1.67 4.56 3.02
C LYS A 11 -0.62 5.45 3.65
N LYS A 12 0.63 5.18 3.32
CA LYS A 12 1.74 5.96 3.83
C LYS A 12 1.88 7.26 3.07
N ILE A 13 1.82 7.15 1.75
CA ILE A 13 1.92 8.31 0.89
C ILE A 13 0.61 9.10 0.93
N LEU A 14 -0.49 8.37 0.89
CA LEU A 14 -1.81 8.97 0.93
C LEU A 14 -2.43 8.81 2.30
N LYS A 1 0.66 -10.97 -0.49
CA LYS A 1 -0.41 -10.01 -0.86
C LYS A 1 0.21 -8.68 -1.30
N ILE A 2 0.73 -8.65 -2.53
CA ILE A 2 1.43 -7.47 -3.04
C ILE A 2 0.53 -6.23 -3.08
N LEU A 3 -0.69 -6.40 -3.57
CA LEU A 3 -1.61 -5.27 -3.72
C LEU A 3 -1.92 -4.62 -2.39
N LYS A 4 -2.09 -5.42 -1.34
CA LYS A 4 -2.39 -4.89 -0.02
C LYS A 4 -1.16 -4.22 0.58
N ARG A 5 0.00 -4.71 0.21
CA ARG A 5 1.26 -4.11 0.63
C ARG A 5 1.46 -2.78 -0.08
N LEU A 6 1.09 -2.74 -1.35
CA LEU A 6 1.10 -1.52 -2.12
C LEU A 6 0.15 -0.50 -1.54
N ALA A 7 -1.05 -0.95 -1.23
CA ALA A 7 -2.06 -0.12 -0.63
C ALA A 7 -1.64 0.34 0.76
N ALA A 8 -0.70 -0.38 1.36
CA ALA A 8 -0.15 0.00 2.64
C ALA A 8 0.89 1.09 2.45
N LYS A 9 1.63 0.99 1.36
CA LYS A 9 2.58 2.03 0.98
C LYS A 9 1.83 3.25 0.50
N ILE A 10 0.74 2.99 -0.19
CA ILE A 10 -0.18 4.03 -0.62
C ILE A 10 -0.85 4.66 0.59
N LYS A 11 -0.97 3.89 1.64
CA LYS A 11 -1.53 4.41 2.87
C LYS A 11 -0.49 5.25 3.60
N LYS A 12 0.77 5.08 3.23
CA LYS A 12 1.85 5.85 3.81
C LYS A 12 1.98 7.20 3.13
N ILE A 13 1.68 7.21 1.84
CA ILE A 13 1.65 8.44 1.07
C ILE A 13 0.31 9.13 1.24
N LEU A 14 -0.75 8.33 1.13
CA LEU A 14 -2.11 8.81 1.25
C LEU A 14 -2.67 8.48 2.63
N LYS A 1 1.66 -10.73 -0.83
CA LYS A 1 0.46 -9.89 -0.99
C LYS A 1 0.85 -8.50 -1.50
N ILE A 2 1.32 -8.43 -2.74
CA ILE A 2 1.82 -7.18 -3.30
C ILE A 2 0.74 -6.11 -3.34
N LEU A 3 -0.46 -6.46 -3.82
CA LEU A 3 -1.54 -5.50 -3.97
C LEU A 3 -1.94 -4.87 -2.63
N LYS A 4 -1.95 -5.68 -1.58
CA LYS A 4 -2.29 -5.19 -0.26
C LYS A 4 -1.14 -4.44 0.38
N ARG A 5 0.07 -4.85 0.01
CA ARG A 5 1.28 -4.15 0.47
C ARG A 5 1.32 -2.75 -0.13
N LEU A 6 0.89 -2.65 -1.37
CA LEU A 6 0.76 -1.38 -2.03
C LEU A 6 -0.17 -0.45 -1.29
N ALA A 7 -1.30 -0.99 -0.88
CA ALA A 7 -2.30 -0.24 -0.14
C ALA A 7 -1.73 0.26 1.18
N ALA A 8 -0.78 -0.49 1.74
CA ALA A 8 -0.13 -0.09 2.97
C ALA A 8 0.86 1.03 2.70
N LYS A 9 1.45 1.00 1.52
CA LYS A 9 2.35 2.06 1.09
C LYS A 9 1.52 3.26 0.66
N ILE A 10 0.37 2.98 0.07
CA ILE A 10 -0.57 4.00 -0.32
C ILE A 10 -1.11 4.71 0.90
N LYS A 11 -1.22 3.99 2.00
CA LYS A 11 -1.67 4.58 3.23
C LYS A 11 -0.60 5.51 3.79
N LYS A 12 0.64 5.27 3.39
CA LYS A 12 1.76 6.06 3.87
C LYS A 12 2.03 7.25 2.96
N ILE A 13 1.87 7.05 1.66
CA ILE A 13 2.03 8.12 0.69
C ILE A 13 0.80 9.01 0.72
N LEU A 14 -0.37 8.38 0.79
CA LEU A 14 -1.63 9.09 0.77
C LEU A 14 -2.19 9.21 2.19
N LYS A 1 2.00 -11.77 -3.17
CA LYS A 1 1.75 -10.75 -4.22
C LYS A 1 1.70 -9.36 -3.59
N ILE A 2 1.61 -8.33 -4.42
CA ILE A 2 1.64 -6.96 -3.93
C ILE A 2 0.29 -6.29 -4.14
N LEU A 3 -0.74 -6.85 -3.53
CA LEU A 3 -2.08 -6.27 -3.65
C LEU A 3 -2.33 -5.25 -2.55
N LYS A 4 -2.43 -5.73 -1.32
CA LYS A 4 -2.70 -4.87 -0.18
C LYS A 4 -1.46 -4.10 0.22
N ARG A 5 -0.31 -4.62 -0.19
CA ARG A 5 0.96 -3.96 0.10
C ARG A 5 1.02 -2.59 -0.55
N LEU A 6 0.41 -2.48 -1.73
CA LEU A 6 0.32 -1.22 -2.41
C LEU A 6 -0.49 -0.23 -1.59
N ALA A 7 -1.66 -0.66 -1.18
CA ALA A 7 -2.56 0.16 -0.39
C ALA A 7 -1.95 0.49 0.98
N ALA A 8 -1.01 -0.33 1.41
CA ALA A 8 -0.30 -0.09 2.65
C ALA A 8 0.77 0.97 2.45
N LYS A 9 1.38 0.95 1.27
CA LYS A 9 2.37 1.96 0.92
C LYS A 9 1.65 3.25 0.53
N ILE A 10 0.50 3.08 -0.09
CA ILE A 10 -0.37 4.18 -0.42
C ILE A 10 -0.91 4.81 0.86
N LYS A 11 -1.01 4.02 1.91
CA LYS A 11 -1.44 4.53 3.18
C LYS A 11 -0.32 5.36 3.81
N LYS A 12 0.90 5.06 3.42
CA LYS A 12 2.06 5.77 3.94
C LYS A 12 2.25 7.09 3.20
N ILE A 13 2.03 7.06 1.90
CA ILE A 13 2.14 8.25 1.08
C ILE A 13 0.89 9.10 1.22
N LEU A 14 -0.26 8.44 1.19
CA LEU A 14 -1.55 9.11 1.28
C LEU A 14 -2.11 8.96 2.69
N LYS A 1 2.43 -11.08 -5.23
CA LYS A 1 1.37 -10.86 -4.22
C LYS A 1 1.54 -9.47 -3.59
N ILE A 2 1.63 -8.44 -4.42
CA ILE A 2 1.78 -7.08 -3.93
C ILE A 2 0.50 -6.30 -4.16
N LEU A 3 -0.60 -6.82 -3.64
CA LEU A 3 -1.89 -6.15 -3.79
C LEU A 3 -2.16 -5.20 -2.62
N LYS A 4 -2.27 -5.76 -1.43
CA LYS A 4 -2.57 -4.98 -0.23
C LYS A 4 -1.36 -4.18 0.22
N ARG A 5 -0.18 -4.66 -0.16
CA ARG A 5 1.06 -3.97 0.15
C ARG A 5 1.09 -2.59 -0.49
N LEU A 6 0.52 -2.50 -1.68
CA LEU A 6 0.41 -1.23 -2.36
C LEU A 6 -0.43 -0.26 -1.56
N ALA A 7 -1.59 -0.73 -1.15
CA ALA A 7 -2.52 0.09 -0.39
C ALA A 7 -1.95 0.49 0.96
N ALA A 8 -1.03 -0.32 1.46
CA ALA A 8 -0.35 -0.03 2.70
C ALA A 8 0.68 1.06 2.49
N LYS A 9 1.36 1.00 1.36
CA LYS A 9 2.30 2.05 0.98
C LYS A 9 1.56 3.29 0.56
N ILE A 10 0.42 3.09 -0.05
CA ILE A 10 -0.49 4.17 -0.41
C ILE A 10 -0.99 4.85 0.85
N LYS A 11 -1.13 4.10 1.92
CA LYS A 11 -1.53 4.69 3.17
C LYS A 11 -0.36 5.42 3.82
N LYS A 12 0.85 5.09 3.37
CA LYS A 12 2.04 5.75 3.86
C LYS A 12 2.30 7.05 3.12
N ILE A 13 2.03 7.04 1.83
CA ILE A 13 2.13 8.23 1.02
C ILE A 13 0.91 9.12 1.26
N LEU A 14 -0.25 8.48 1.23
CA LEU A 14 -1.52 9.17 1.42
C LEU A 14 -2.03 8.99 2.83
N LYS A 1 0.97 -11.14 -1.08
CA LYS A 1 -0.13 -10.15 -1.07
C LYS A 1 0.39 -8.76 -1.44
N ILE A 2 1.00 -8.67 -2.63
CA ILE A 2 1.62 -7.42 -3.08
C ILE A 2 0.60 -6.28 -3.15
N LEU A 3 -0.62 -6.57 -3.57
CA LEU A 3 -1.64 -5.55 -3.78
C LEU A 3 -1.94 -4.79 -2.48
N LYS A 4 -2.07 -5.53 -1.39
CA LYS A 4 -2.35 -4.90 -0.10
C LYS A 4 -1.11 -4.23 0.47
N ARG A 5 0.04 -4.74 0.09
CA ARG A 5 1.30 -4.14 0.51
C ARG A 5 1.46 -2.78 -0.16
N LEU A 6 1.04 -2.70 -1.41
CA LEU A 6 1.01 -1.46 -2.14
C LEU A 6 0.06 -0.47 -1.48
N ALA A 7 -1.12 -0.96 -1.16
CA ALA A 7 -2.14 -0.15 -0.51
C ALA A 7 -1.66 0.34 0.85
N ALA A 8 -0.75 -0.41 1.46
CA ALA A 8 -0.15 -0.01 2.72
C ALA A 8 0.81 1.13 2.50
N LYS A 9 1.57 1.04 1.41
CA LYS A 9 2.49 2.11 1.04
C LYS A 9 1.71 3.31 0.53
N ILE A 10 0.58 3.01 -0.10
CA ILE A 10 -0.36 4.01 -0.52
C ILE A 10 -0.99 4.68 0.68
N LYS A 11 -1.12 3.95 1.77
CA LYS A 11 -1.63 4.52 2.98
C LYS A 11 -0.55 5.36 3.67
N LYS A 12 0.69 5.12 3.29
CA LYS A 12 1.80 5.88 3.82
C LYS A 12 1.92 7.21 3.09
N ILE A 13 1.78 7.15 1.78
CA ILE A 13 1.82 8.34 0.95
C ILE A 13 0.51 9.11 1.10
N LEU A 14 -0.58 8.37 1.08
CA LEU A 14 -1.91 8.95 1.21
C LEU A 14 -2.43 8.76 2.62
N LYS A 1 1.81 -11.67 -4.73
CA LYS A 1 0.60 -11.04 -4.17
C LYS A 1 0.94 -9.67 -3.58
N ILE A 2 1.22 -8.70 -4.44
CA ILE A 2 1.55 -7.36 -3.99
C ILE A 2 0.36 -6.43 -4.22
N LEU A 3 -0.78 -6.80 -3.67
CA LEU A 3 -1.99 -6.01 -3.82
C LEU A 3 -2.12 -5.00 -2.69
N LYS A 4 -2.38 -5.50 -1.49
CA LYS A 4 -2.58 -4.63 -0.33
C LYS A 4 -1.25 -4.10 0.18
N ARG A 5 -0.18 -4.73 -0.27
CA ARG A 5 1.16 -4.29 0.10
C ARG A 5 1.44 -2.91 -0.48
N LEU A 6 0.91 -2.67 -1.67
CA LEU A 6 1.00 -1.37 -2.29
C LEU A 6 0.19 -0.35 -1.52
N ALA A 7 -1.05 -0.71 -1.24
CA ALA A 7 -1.99 0.16 -0.55
C ALA A 7 -1.53 0.47 0.87
N ALA A 8 -0.61 -0.33 1.38
CA ALA A 8 -0.03 -0.09 2.68
C ALA A 8 1.02 1.01 2.58
N LYS A 9 1.76 0.99 1.49
CA LYS A 9 2.74 2.03 1.21
C LYS A 9 2.03 3.29 0.74
N ILE A 10 0.95 3.08 0.02
CA ILE A 10 0.10 4.15 -0.44
C ILE A 10 -0.64 4.77 0.74
N LYS A 11 -0.87 4.00 1.77
CA LYS A 11 -1.51 4.50 2.96
C LYS A 11 -0.56 5.41 3.73
N LYS A 12 0.73 5.27 3.43
CA LYS A 12 1.73 6.11 4.06
C LYS A 12 1.73 7.50 3.42
N ILE A 13 1.64 7.52 2.10
CA ILE A 13 1.61 8.75 1.36
C ILE A 13 0.21 9.36 1.40
N LEU A 14 -0.78 8.51 1.19
CA LEU A 14 -2.16 8.91 1.20
C LEU A 14 -2.80 8.59 2.54
#